data_8WAB
#
_entry.id   8WAB
#
_cell.length_a   40.401
_cell.length_b   45.717
_cell.length_c   56.421
_cell.angle_alpha   102.28
_cell.angle_beta   96.00
_cell.angle_gamma   113.21
#
_symmetry.space_group_name_H-M   'P 1'
#
loop_
_entity.id
_entity.type
_entity.pdbx_description
1 polymer 'DNRLRE domain-containing protein'
2 water water
#
_entity_poly.entity_id   1
_entity_poly.type   'polypeptide(L)'
_entity_poly.pdbx_seq_one_letter_code
;MGYIIDQDTPEYVSVKYKSVYAIEDSWVRDGDYANTNYGTANTLVVKKDGDGYNREAYIKFDLQNIDITKYQNIFLALYV
ANSNTSIHDTQWNIGYVADNTWSEKSITWNNRPVTTNTIATVSTVPAGSNVMVDISQAVFNEIKNNSKTLTLHISSTTRG
ADGKTDAQFYSKEGSDPLKAPQLMLQEKGESNTASLEHHHHHH
;
_entity_poly.pdbx_strand_id   A,B
#
# COMPACT_ATOMS: atom_id res chain seq x y z
N GLU A 11 -4.13 11.30 18.38
CA GLU A 11 -4.55 10.56 19.56
C GLU A 11 -4.10 9.10 19.50
N TYR A 12 -4.42 8.37 20.55
CA TYR A 12 -4.36 6.93 20.57
C TYR A 12 -5.69 6.38 20.12
N VAL A 13 -5.67 5.31 19.34
CA VAL A 13 -6.89 4.74 18.80
C VAL A 13 -6.79 3.22 18.89
N SER A 14 -7.91 2.58 19.20
CA SER A 14 -8.02 1.14 19.15
C SER A 14 -8.95 0.78 18.00
N VAL A 15 -8.42 0.08 17.00
CA VAL A 15 -9.17 -0.27 15.79
C VAL A 15 -9.46 -1.77 15.81
N LYS A 16 -10.69 -2.13 15.44
CA LYS A 16 -11.20 -3.48 15.46
C LYS A 16 -11.32 -3.98 14.03
N TYR A 17 -10.84 -5.21 13.79
CA TYR A 17 -10.87 -5.84 12.47
C TYR A 17 -11.50 -7.22 12.56
N LYS A 18 -12.20 -7.61 11.50
CA LYS A 18 -12.64 -8.98 11.28
C LYS A 18 -11.71 -9.63 10.27
N SER A 19 -11.12 -10.76 10.64
CA SER A 19 -10.25 -11.50 9.75
C SER A 19 -11.06 -12.44 8.87
N VAL A 20 -10.78 -12.43 7.57
CA VAL A 20 -11.32 -13.40 6.61
C VAL A 20 -10.12 -14.15 6.05
N TYR A 21 -10.01 -15.44 6.36
CA TYR A 21 -8.86 -16.23 5.98
C TYR A 21 -9.04 -16.81 4.59
N ALA A 22 -7.93 -16.88 3.86
CA ALA A 22 -7.93 -17.44 2.52
C ALA A 22 -8.49 -18.86 2.54
N ILE A 23 -9.34 -19.16 1.55
CA ILE A 23 -9.85 -20.51 1.40
C ILE A 23 -8.96 -21.37 0.52
N GLU A 24 -8.09 -20.77 -0.30
CA GLU A 24 -7.08 -21.49 -1.07
C GLU A 24 -5.88 -20.59 -1.28
N ASP A 25 -4.71 -21.20 -1.35
CA ASP A 25 -3.51 -20.48 -1.75
C ASP A 25 -2.45 -21.44 -2.27
N SER A 26 -1.66 -20.96 -3.22
CA SER A 26 -0.54 -21.72 -3.75
C SER A 26 0.50 -20.75 -4.30
N TRP A 27 1.63 -21.30 -4.73
CA TRP A 27 2.55 -20.57 -5.57
C TRP A 27 2.94 -21.43 -6.77
N VAL A 28 3.56 -20.77 -7.74
CA VAL A 28 3.92 -21.40 -8.99
C VAL A 28 5.34 -20.99 -9.31
N ARG A 29 6.05 -21.87 -10.02
CA ARG A 29 7.41 -21.64 -10.47
C ARG A 29 7.50 -22.03 -11.94
N ASP A 30 8.24 -21.26 -12.72
CA ASP A 30 8.42 -21.56 -14.12
C ASP A 30 9.66 -22.45 -14.32
N GLY A 31 10.10 -22.60 -15.57
CA GLY A 31 11.24 -23.47 -15.85
C GLY A 31 10.86 -24.93 -15.75
N ASP A 32 11.72 -25.72 -15.12
CA ASP A 32 11.44 -27.15 -14.97
C ASP A 32 10.24 -27.40 -14.06
N TYR A 33 9.85 -26.41 -13.27
CA TYR A 33 8.80 -26.54 -12.28
C TYR A 33 7.45 -26.05 -12.79
N ALA A 34 7.37 -25.71 -14.07
CA ALA A 34 6.19 -25.08 -14.64
C ALA A 34 4.96 -25.97 -14.58
N ASN A 35 5.13 -27.26 -14.30
CA ASN A 35 4.00 -28.18 -14.12
C ASN A 35 3.86 -28.67 -12.68
N THR A 36 4.64 -28.11 -11.75
CA THR A 36 4.63 -28.55 -10.37
C THR A 36 3.57 -27.76 -9.58
N ASN A 37 2.87 -28.46 -8.69
CA ASN A 37 1.88 -27.84 -7.82
C ASN A 37 2.40 -27.76 -6.39
N TYR A 38 2.04 -26.68 -5.68
CA TYR A 38 2.47 -26.41 -4.31
C TYR A 38 1.29 -26.05 -3.42
N GLY A 39 0.09 -26.56 -3.72
CA GLY A 39 -1.08 -26.17 -2.97
C GLY A 39 -1.10 -26.57 -1.52
N THR A 40 -0.19 -27.46 -1.09
CA THR A 40 -0.09 -27.79 0.32
C THR A 40 1.15 -27.19 0.97
N ALA A 41 1.94 -26.42 0.23
CA ALA A 41 3.16 -25.88 0.81
C ALA A 41 2.81 -24.90 1.91
N ASN A 42 3.55 -25.00 3.02
CA ASN A 42 3.27 -24.17 4.17
C ASN A 42 3.87 -22.77 4.07
N THR A 43 4.36 -22.38 2.88
CA THR A 43 4.70 -20.99 2.56
C THR A 43 4.35 -20.72 1.09
N LEU A 44 4.21 -19.43 0.76
CA LEU A 44 4.00 -18.94 -0.61
C LEU A 44 5.27 -18.20 -1.04
N VAL A 45 6.00 -18.78 -1.98
CA VAL A 45 7.24 -18.18 -2.45
C VAL A 45 6.95 -17.11 -3.50
N VAL A 46 7.63 -15.97 -3.39
CA VAL A 46 7.49 -14.89 -4.37
C VAL A 46 8.88 -14.38 -4.73
N LYS A 47 9.21 -14.37 -6.02
CA LYS A 47 10.49 -13.89 -6.51
C LYS A 47 10.43 -13.64 -8.02
N LYS A 48 10.87 -12.48 -8.47
CA LYS A 48 11.08 -12.23 -9.89
C LYS A 48 12.54 -12.53 -10.24
N ASP A 49 12.76 -13.12 -11.42
CA ASP A 49 14.09 -13.50 -11.87
C ASP A 49 14.02 -14.07 -13.29
N GLY A 50 15.15 -14.59 -13.79
CA GLY A 50 15.16 -15.19 -15.11
C GLY A 50 14.40 -16.51 -15.15
N ASP A 51 14.21 -17.01 -16.38
CA ASP A 51 13.38 -18.19 -16.60
C ASP A 51 13.83 -19.36 -15.74
N GLY A 52 12.86 -20.05 -15.16
CA GLY A 52 13.14 -21.12 -14.22
C GLY A 52 13.21 -20.70 -12.76
N TYR A 53 13.26 -19.39 -12.48
CA TYR A 53 13.46 -18.90 -11.12
C TYR A 53 12.41 -17.87 -10.70
N ASN A 54 11.33 -17.73 -11.45
CA ASN A 54 10.20 -16.90 -11.03
C ASN A 54 9.31 -17.67 -10.06
N ARG A 55 8.88 -16.99 -9.00
CA ARG A 55 7.90 -17.53 -8.07
C ARG A 55 6.81 -16.49 -7.88
N GLU A 56 5.55 -16.90 -8.05
CA GLU A 56 4.41 -16.01 -7.89
C GLU A 56 3.36 -16.76 -7.09
N ALA A 57 2.52 -16.01 -6.39
CA ALA A 57 1.58 -16.57 -5.45
C ALA A 57 0.16 -16.22 -5.86
N TYR A 58 -0.77 -17.10 -5.52
CA TYR A 58 -2.19 -16.88 -5.75
C TYR A 58 -2.94 -17.19 -4.48
N ILE A 59 -3.91 -16.34 -4.13
CA ILE A 59 -4.64 -16.45 -2.88
C ILE A 59 -6.12 -16.16 -3.17
N LYS A 60 -7.00 -17.01 -2.64
CA LYS A 60 -8.44 -16.94 -2.87
C LYS A 60 -9.16 -16.67 -1.56
N PHE A 61 -10.15 -15.78 -1.60
CA PHE A 61 -10.98 -15.44 -0.44
C PHE A 61 -12.46 -15.56 -0.79
N ASP A 62 -13.25 -16.03 0.18
CA ASP A 62 -14.71 -16.01 0.04
C ASP A 62 -15.24 -14.64 0.44
N LEU A 63 -15.98 -13.99 -0.46
CA LEU A 63 -16.55 -12.67 -0.20
C LEU A 63 -18.03 -12.73 0.19
N GLN A 64 -18.64 -13.92 0.15
CA GLN A 64 -20.01 -14.07 0.61
C GLN A 64 -20.06 -13.89 2.12
N ASN A 65 -21.21 -13.49 2.63
CA ASN A 65 -21.41 -13.26 4.07
C ASN A 65 -20.53 -12.13 4.61
N ILE A 66 -20.32 -11.09 3.78
CA ILE A 66 -19.65 -9.88 4.23
C ILE A 66 -20.62 -8.72 4.02
N ASP A 67 -20.94 -8.04 5.12
CA ASP A 67 -21.86 -6.90 5.13
C ASP A 67 -21.00 -5.64 5.10
N ILE A 68 -20.86 -5.05 3.91
CA ILE A 68 -19.91 -3.95 3.72
C ILE A 68 -20.32 -2.67 4.43
N THR A 69 -21.57 -2.60 4.92
CA THR A 69 -22.01 -1.46 5.73
C THR A 69 -21.31 -1.41 7.09
N LYS A 70 -20.68 -2.49 7.53
CA LYS A 70 -19.99 -2.48 8.82
C LYS A 70 -18.59 -1.87 8.75
N TYR A 71 -18.00 -1.76 7.56
CA TYR A 71 -16.57 -1.57 7.42
C TYR A 71 -16.26 -0.30 6.64
N GLN A 72 -15.16 0.36 7.01
CA GLN A 72 -14.69 1.50 6.24
C GLN A 72 -13.50 1.19 5.36
N ASN A 73 -12.64 0.25 5.75
CA ASN A 73 -11.52 -0.15 4.91
C ASN A 73 -11.38 -1.67 4.94
N ILE A 74 -10.71 -2.20 3.92
CA ILE A 74 -10.42 -3.63 3.82
C ILE A 74 -8.95 -3.78 3.44
N PHE A 75 -8.24 -4.67 4.14
CA PHE A 75 -6.82 -4.83 3.92
C PHE A 75 -6.53 -6.28 3.57
N LEU A 76 -5.48 -6.47 2.77
CA LEU A 76 -4.82 -7.78 2.66
C LEU A 76 -3.67 -7.78 3.64
N ALA A 77 -3.60 -8.82 4.47
CA ALA A 77 -2.51 -9.03 5.39
C ALA A 77 -1.78 -10.31 4.99
N LEU A 78 -0.49 -10.17 4.69
CA LEU A 78 0.43 -11.29 4.53
C LEU A 78 1.51 -11.19 5.62
N TYR A 79 1.89 -12.36 6.16
CA TYR A 79 2.90 -12.50 7.20
C TYR A 79 4.16 -13.13 6.61
N VAL A 80 5.30 -12.48 6.78
CA VAL A 80 6.52 -12.91 6.09
C VAL A 80 7.22 -13.95 6.95
N ALA A 81 7.29 -15.19 6.43
CA ALA A 81 7.94 -16.28 7.14
C ALA A 81 9.46 -16.22 6.98
N ASN A 82 9.95 -15.99 5.77
CA ASN A 82 11.38 -15.85 5.55
C ASN A 82 11.63 -14.98 4.31
N SER A 83 12.80 -14.34 4.30
CA SER A 83 13.13 -13.37 3.28
C SER A 83 14.64 -13.37 3.06
N ASN A 84 15.05 -13.17 1.80
CA ASN A 84 16.47 -13.20 1.51
C ASN A 84 17.14 -11.86 1.85
N THR A 85 18.46 -11.80 1.60
CA THR A 85 19.30 -10.76 2.19
C THR A 85 18.92 -9.36 1.70
N SER A 86 18.54 -9.24 0.43
CA SER A 86 18.33 -7.93 -0.18
C SER A 86 16.88 -7.76 -0.63
N ILE A 87 15.95 -8.31 0.17
CA ILE A 87 14.51 -8.17 -0.08
C ILE A 87 14.14 -6.70 -0.27
N HIS A 88 14.92 -5.78 0.31
CA HIS A 88 14.65 -4.35 0.18
C HIS A 88 14.79 -3.84 -1.25
N ASP A 89 15.51 -4.56 -2.10
CA ASP A 89 15.74 -4.21 -3.50
C ASP A 89 14.52 -4.40 -4.39
N THR A 90 13.41 -4.92 -3.89
CA THR A 90 12.24 -5.12 -4.72
C THR A 90 11.00 -4.67 -3.97
N GLN A 91 9.87 -4.68 -4.68
CA GLN A 91 8.56 -4.40 -4.11
C GLN A 91 7.64 -5.55 -4.48
N TRP A 92 6.46 -5.56 -3.86
CA TRP A 92 5.45 -6.60 -4.08
C TRP A 92 4.23 -5.98 -4.73
N ASN A 93 3.86 -6.51 -5.91
CA ASN A 93 2.65 -6.12 -6.61
C ASN A 93 1.49 -7.00 -6.16
N ILE A 94 0.38 -6.37 -5.79
CA ILE A 94 -0.87 -7.06 -5.46
C ILE A 94 -1.82 -6.89 -6.65
N GLY A 95 -2.07 -7.97 -7.37
CA GLY A 95 -2.84 -7.92 -8.61
C GLY A 95 -4.22 -8.51 -8.43
N TYR A 96 -5.17 -8.02 -9.20
CA TYR A 96 -6.52 -8.55 -9.18
C TYR A 96 -6.63 -9.63 -10.24
N VAL A 97 -7.15 -10.79 -9.86
CA VAL A 97 -7.34 -11.92 -10.76
C VAL A 97 -8.84 -12.19 -10.84
N ALA A 98 -9.43 -11.94 -12.01
CA ALA A 98 -10.87 -12.15 -12.20
C ALA A 98 -11.22 -13.63 -12.17
N ASP A 99 -10.32 -14.49 -12.62
CA ASP A 99 -10.61 -15.90 -12.80
C ASP A 99 -10.48 -16.61 -11.45
N ASN A 100 -11.61 -17.06 -10.90
CA ASN A 100 -11.64 -17.80 -9.65
C ASN A 100 -11.81 -19.30 -9.84
N THR A 101 -11.68 -19.80 -11.07
CA THR A 101 -11.89 -21.23 -11.35
C THR A 101 -10.65 -22.08 -11.11
N TRP A 102 -9.48 -21.46 -10.90
CA TRP A 102 -8.31 -22.23 -10.51
C TRP A 102 -8.55 -22.90 -9.16
N SER A 103 -7.75 -23.92 -8.87
CA SER A 103 -7.73 -24.58 -7.57
C SER A 103 -6.30 -24.67 -7.06
N GLU A 104 -6.15 -24.55 -5.73
CA GLU A 104 -4.81 -24.63 -5.13
C GLU A 104 -4.19 -26.01 -5.31
N LYS A 105 -4.99 -27.05 -5.44
CA LYS A 105 -4.42 -28.38 -5.59
C LYS A 105 -4.13 -28.76 -7.03
N SER A 106 -4.41 -27.89 -8.00
CA SER A 106 -4.05 -28.14 -9.38
C SER A 106 -3.41 -26.96 -10.10
N ILE A 107 -3.28 -25.80 -9.47
CA ILE A 107 -2.67 -24.66 -10.18
C ILE A 107 -1.17 -24.87 -10.32
N THR A 108 -0.68 -24.63 -11.53
CA THR A 108 0.73 -24.69 -11.87
C THR A 108 1.05 -23.43 -12.66
N TRP A 109 2.35 -23.19 -12.91
CA TRP A 109 2.73 -22.04 -13.70
C TRP A 109 2.06 -22.06 -15.08
N ASN A 110 2.00 -23.24 -15.71
CA ASN A 110 1.46 -23.36 -17.06
C ASN A 110 -0.06 -23.23 -17.13
N ASN A 111 -0.79 -23.37 -16.03
CA ASN A 111 -2.23 -23.15 -16.10
C ASN A 111 -2.69 -21.99 -15.22
N ARG A 112 -1.77 -21.15 -14.75
CA ARG A 112 -2.11 -20.07 -13.84
C ARG A 112 -3.05 -19.08 -14.52
N PRO A 113 -3.95 -18.44 -13.77
CA PRO A 113 -4.89 -17.50 -14.38
C PRO A 113 -4.25 -16.13 -14.61
N VAL A 114 -4.89 -15.36 -15.48
CA VAL A 114 -4.31 -14.09 -15.92
C VAL A 114 -4.56 -13.01 -14.88
N THR A 115 -3.56 -12.18 -14.64
CA THR A 115 -3.74 -11.04 -13.76
C THR A 115 -4.37 -9.91 -14.56
N THR A 116 -5.49 -9.39 -14.02
CA THR A 116 -6.25 -8.33 -14.67
C THR A 116 -5.57 -6.98 -14.53
N ASN A 117 -5.13 -6.63 -13.32
CA ASN A 117 -4.48 -5.35 -13.10
C ASN A 117 -3.89 -5.31 -11.69
N THR A 118 -2.97 -4.37 -11.48
CA THR A 118 -2.31 -4.20 -10.20
C THR A 118 -3.13 -3.27 -9.32
N ILE A 119 -3.49 -3.74 -8.14
CA ILE A 119 -4.29 -2.98 -7.19
C ILE A 119 -3.44 -2.15 -6.24
N ALA A 120 -2.22 -2.58 -5.95
CA ALA A 120 -1.31 -1.90 -5.04
C ALA A 120 0.09 -2.44 -5.23
N THR A 121 1.09 -1.59 -4.94
CA THR A 121 2.48 -1.99 -4.90
C THR A 121 3.04 -1.56 -3.55
N VAL A 122 3.54 -2.50 -2.77
CA VAL A 122 3.99 -2.22 -1.42
C VAL A 122 5.45 -2.56 -1.25
N SER A 123 6.10 -1.85 -0.34
CA SER A 123 7.49 -2.12 -0.03
C SER A 123 7.58 -3.36 0.87
N THR A 124 8.73 -4.02 0.82
CA THR A 124 8.84 -5.31 1.48
C THR A 124 9.18 -5.12 2.96
N VAL A 125 8.99 -6.22 3.71
CA VAL A 125 9.41 -6.30 5.11
C VAL A 125 10.08 -7.64 5.34
N PRO A 126 10.98 -7.70 6.31
CA PRO A 126 11.73 -8.95 6.54
C PRO A 126 10.92 -10.00 7.28
N ALA A 127 11.47 -11.21 7.34
CA ALA A 127 10.88 -12.31 8.07
C ALA A 127 10.47 -11.90 9.49
N GLY A 128 9.32 -12.41 9.94
CA GLY A 128 8.79 -12.04 11.23
C GLY A 128 8.01 -10.75 11.26
N SER A 129 8.00 -10.00 10.16
CA SER A 129 7.17 -8.82 10.04
C SER A 129 5.98 -9.11 9.13
N ASN A 130 5.09 -8.13 9.09
CA ASN A 130 3.74 -8.22 8.54
C ASN A 130 3.53 -7.04 7.61
N VAL A 131 2.85 -7.27 6.48
CA VAL A 131 2.44 -6.21 5.57
C VAL A 131 0.91 -6.15 5.56
N MET A 132 0.38 -4.95 5.45
CA MET A 132 -1.06 -4.69 5.52
C MET A 132 -1.41 -3.76 4.38
N VAL A 133 -1.91 -4.32 3.30
CA VAL A 133 -2.07 -3.59 2.04
C VAL A 133 -3.52 -3.11 1.93
N ASP A 134 -3.70 -1.78 1.86
CA ASP A 134 -5.05 -1.22 1.73
C ASP A 134 -5.61 -1.55 0.35
N ILE A 135 -6.66 -2.37 0.31
CA ILE A 135 -7.32 -2.70 -0.97
C ILE A 135 -8.81 -2.47 -0.84
N SER A 136 -9.18 -1.35 -0.20
CA SER A 136 -10.56 -1.08 0.17
C SER A 136 -11.47 -1.01 -1.05
N GLN A 137 -11.13 -0.14 -2.01
CA GLN A 137 -12.00 0.02 -3.17
C GLN A 137 -12.05 -1.28 -3.97
N ALA A 138 -10.92 -1.96 -4.11
CA ALA A 138 -10.87 -3.23 -4.81
C ALA A 138 -11.89 -4.22 -4.28
N VAL A 139 -11.91 -4.45 -2.96
CA VAL A 139 -12.82 -5.44 -2.38
C VAL A 139 -14.25 -4.89 -2.27
N PHE A 140 -14.43 -3.62 -1.89
CA PHE A 140 -15.77 -3.03 -1.91
C PHE A 140 -16.41 -3.16 -3.29
N ASN A 141 -15.61 -2.93 -4.35
CA ASN A 141 -16.18 -3.04 -5.68
C ASN A 141 -16.62 -4.47 -5.99
N GLU A 142 -15.80 -5.46 -5.61
CA GLU A 142 -16.15 -6.84 -5.85
C GLU A 142 -17.39 -7.25 -5.05
N ILE A 143 -17.50 -6.78 -3.82
CA ILE A 143 -18.69 -7.11 -3.04
C ILE A 143 -19.93 -6.44 -3.63
N LYS A 144 -19.82 -5.14 -3.98
CA LYS A 144 -20.98 -4.46 -4.55
C LYS A 144 -21.40 -5.10 -5.86
N ASN A 145 -20.46 -5.68 -6.59
CA ASN A 145 -20.74 -6.29 -7.87
C ASN A 145 -21.20 -7.74 -7.75
N ASN A 146 -21.49 -8.22 -6.54
CA ASN A 146 -21.93 -9.60 -6.32
C ASN A 146 -20.88 -10.62 -6.73
N SER A 147 -19.61 -10.19 -6.82
CA SER A 147 -18.52 -11.13 -6.89
C SER A 147 -18.48 -11.93 -5.59
N LYS A 148 -18.57 -13.24 -5.70
CA LYS A 148 -18.63 -14.09 -4.52
C LYS A 148 -17.25 -14.49 -4.01
N THR A 149 -16.21 -14.31 -4.81
CA THR A 149 -14.90 -14.89 -4.57
C THR A 149 -13.85 -13.95 -5.13
N LEU A 150 -12.77 -13.74 -4.37
CA LEU A 150 -11.69 -12.82 -4.76
C LEU A 150 -10.38 -13.58 -4.85
N THR A 151 -9.64 -13.36 -5.93
CA THR A 151 -8.30 -13.93 -6.10
C THR A 151 -7.29 -12.79 -6.19
N LEU A 152 -6.29 -12.83 -5.33
CA LEU A 152 -5.19 -11.87 -5.40
C LEU A 152 -3.93 -12.60 -5.84
N HIS A 153 -3.17 -11.94 -6.71
CA HIS A 153 -1.93 -12.45 -7.27
C HIS A 153 -0.79 -11.65 -6.67
N ILE A 154 0.19 -12.33 -6.09
CA ILE A 154 1.32 -11.69 -5.46
C ILE A 154 2.55 -11.92 -6.31
N SER A 155 3.26 -10.85 -6.64
CA SER A 155 4.46 -10.97 -7.43
C SER A 155 5.41 -9.85 -7.05
N SER A 156 6.68 -10.04 -7.43
CA SER A 156 7.76 -9.14 -7.08
C SER A 156 8.14 -8.29 -8.29
N THR A 157 8.39 -6.99 -8.07
CA THR A 157 8.64 -6.09 -9.17
C THR A 157 10.05 -6.23 -9.76
N THR A 158 11.04 -6.57 -8.93
CA THR A 158 12.42 -6.42 -9.33
C THR A 158 13.24 -7.64 -8.96
N ARG A 159 14.10 -8.05 -9.90
CA ARG A 159 15.04 -9.13 -9.65
C ARG A 159 16.08 -8.69 -8.62
N GLY A 160 16.63 -7.48 -8.78
CA GLY A 160 17.61 -6.94 -7.85
C GLY A 160 19.04 -7.17 -8.28
N ALA A 161 19.94 -6.28 -7.85
CA ALA A 161 21.33 -6.36 -8.24
C ALA A 161 21.95 -7.72 -7.96
N ASP A 162 21.80 -8.23 -6.73
CA ASP A 162 22.41 -9.51 -6.37
C ASP A 162 21.45 -10.68 -6.43
N GLY A 163 20.18 -10.46 -6.76
CA GLY A 163 19.24 -11.55 -6.91
C GLY A 163 18.70 -12.16 -5.65
N LYS A 164 19.06 -11.63 -4.48
CA LYS A 164 18.62 -12.19 -3.20
C LYS A 164 17.41 -11.41 -2.72
N THR A 165 16.33 -11.56 -3.49
CA THR A 165 15.11 -10.80 -3.29
C THR A 165 13.87 -11.68 -3.21
N ASP A 166 14.04 -12.98 -3.05
CA ASP A 166 12.93 -13.88 -2.79
C ASP A 166 12.48 -13.76 -1.35
N ALA A 167 11.19 -14.02 -1.14
CA ALA A 167 10.60 -14.05 0.18
C ALA A 167 9.50 -15.10 0.18
N GLN A 168 9.06 -15.48 1.38
CA GLN A 168 8.01 -16.48 1.52
C GLN A 168 7.01 -16.06 2.59
N PHE A 169 5.75 -16.03 2.20
CA PHE A 169 4.68 -15.74 3.13
C PHE A 169 4.17 -17.02 3.77
N TYR A 170 3.74 -16.91 5.02
CA TYR A 170 3.00 -18.01 5.63
C TYR A 170 1.76 -18.32 4.80
N SER A 171 1.51 -19.61 4.60
CA SER A 171 0.32 -20.06 3.91
C SER A 171 -0.74 -20.54 4.90
N LYS A 172 -1.93 -20.82 4.36
CA LYS A 172 -3.01 -21.43 5.12
C LYS A 172 -2.59 -22.74 5.77
N GLU A 173 -1.57 -23.42 5.19
CA GLU A 173 -1.04 -24.66 5.73
C GLU A 173 0.14 -24.44 6.68
N GLY A 174 0.43 -23.19 7.03
CA GLY A 174 1.45 -22.91 8.02
C GLY A 174 1.00 -23.25 9.42
N SER A 175 2.00 -23.38 10.30
CA SER A 175 1.75 -23.68 11.70
C SER A 175 0.68 -22.76 12.29
N ASP A 176 0.97 -21.47 12.36
CA ASP A 176 0.10 -20.53 13.05
C ASP A 176 -1.02 -20.11 12.12
N PRO A 177 -2.27 -20.51 12.38
CA PRO A 177 -3.36 -20.05 11.50
C PRO A 177 -3.56 -18.56 11.57
N LEU A 178 -3.06 -17.90 12.62
CA LEU A 178 -3.19 -16.46 12.73
C LEU A 178 -2.27 -15.72 11.77
N LYS A 179 -1.25 -16.39 11.23
CA LYS A 179 -0.36 -15.76 10.27
C LYS A 179 -0.68 -16.16 8.83
N ALA A 180 -1.82 -16.83 8.59
CA ALA A 180 -2.21 -17.20 7.25
C ALA A 180 -2.71 -15.98 6.48
N PRO A 181 -2.73 -16.04 5.15
CA PRO A 181 -3.21 -14.88 4.37
C PRO A 181 -4.66 -14.53 4.71
N GLN A 182 -4.96 -13.23 4.78
CA GLN A 182 -6.29 -12.87 5.23
C GLN A 182 -6.64 -11.45 4.82
N LEU A 183 -7.90 -11.25 4.51
CA LEU A 183 -8.47 -9.91 4.46
C LEU A 183 -8.76 -9.47 5.88
N MET A 184 -8.50 -8.19 6.17
CA MET A 184 -8.87 -7.61 7.46
C MET A 184 -9.90 -6.54 7.22
N LEU A 185 -11.06 -6.71 7.84
CA LEU A 185 -12.22 -5.86 7.63
C LEU A 185 -12.24 -4.83 8.77
N GLN A 186 -11.89 -3.59 8.46
CA GLN A 186 -11.83 -2.55 9.49
C GLN A 186 -13.24 -2.04 9.80
N GLU A 187 -13.73 -2.31 10.99
CA GLU A 187 -15.06 -1.85 11.36
C GLU A 187 -15.06 -0.34 11.56
N LYS A 188 -16.17 0.29 11.20
CA LYS A 188 -16.29 1.74 11.32
C LYS A 188 -16.24 2.20 12.77
N VAL B 13 -7.09 -8.93 16.84
CA VAL B 13 -8.41 -8.60 16.31
C VAL B 13 -8.70 -7.11 16.60
N SER B 14 -8.26 -6.61 17.75
CA SER B 14 -8.21 -5.18 18.03
C SER B 14 -6.76 -4.71 18.01
N VAL B 15 -6.51 -3.56 17.40
CA VAL B 15 -5.17 -3.07 17.15
C VAL B 15 -5.07 -1.64 17.67
N LYS B 16 -3.99 -1.37 18.42
CA LYS B 16 -3.73 -0.07 19.02
C LYS B 16 -2.76 0.72 18.15
N TYR B 17 -3.16 1.94 17.79
CA TYR B 17 -2.30 2.85 17.05
C TYR B 17 -2.05 4.13 17.85
N LYS B 18 -0.87 4.71 17.66
CA LYS B 18 -0.63 6.08 18.06
C LYS B 18 -0.35 6.91 16.80
N SER B 19 -1.08 8.01 16.65
CA SER B 19 -0.89 8.88 15.50
C SER B 19 0.22 9.87 15.75
N VAL B 20 0.96 10.17 14.69
CA VAL B 20 1.85 11.33 14.62
C VAL B 20 1.33 12.21 13.51
N TYR B 21 0.97 13.45 13.86
CA TYR B 21 0.42 14.36 12.87
C TYR B 21 1.53 15.08 12.14
N ALA B 22 1.24 15.49 10.90
CA ALA B 22 2.21 16.21 10.10
C ALA B 22 2.58 17.53 10.78
N ILE B 23 3.87 17.89 10.72
CA ILE B 23 4.28 19.22 11.19
C ILE B 23 4.30 20.26 10.07
N GLU B 24 4.37 19.83 8.81
CA GLU B 24 4.25 20.73 7.66
C GLU B 24 3.62 19.92 6.53
N ASP B 25 2.86 20.60 5.67
CA ASP B 25 2.35 19.93 4.49
C ASP B 25 1.98 20.95 3.45
N SER B 26 2.21 20.64 2.18
CA SER B 26 1.80 21.59 1.16
C SER B 26 1.53 20.84 -0.12
N TRP B 27 1.00 21.55 -1.09
CA TRP B 27 0.95 21.04 -2.43
C TRP B 27 1.53 22.11 -3.34
N VAL B 28 1.96 21.69 -4.53
CA VAL B 28 2.56 22.58 -5.53
C VAL B 28 1.87 22.32 -6.86
N ARG B 29 1.98 23.31 -7.74
CA ARG B 29 1.35 23.29 -9.06
C ARG B 29 2.32 23.86 -10.08
N ASP B 30 2.36 23.28 -11.28
CA ASP B 30 3.33 23.69 -12.28
C ASP B 30 2.73 24.82 -13.14
N GLY B 31 3.35 25.09 -14.29
CA GLY B 31 2.86 26.12 -15.17
C GLY B 31 2.98 27.48 -14.53
N ASP B 32 1.93 28.29 -14.69
CA ASP B 32 1.95 29.65 -14.17
C ASP B 32 1.92 29.69 -12.66
N TYR B 33 1.59 28.57 -12.03
CA TYR B 33 1.52 28.47 -10.58
C TYR B 33 2.82 27.97 -9.97
N ALA B 34 3.90 27.85 -10.75
CA ALA B 34 5.11 27.15 -10.33
C ALA B 34 5.89 27.90 -9.25
N ASN B 35 5.65 29.19 -9.07
CA ASN B 35 6.27 29.95 -7.99
C ASN B 35 5.30 30.30 -6.88
N THR B 36 4.11 29.70 -6.89
CA THR B 36 3.09 29.97 -5.88
C THR B 36 3.16 28.94 -4.76
N ASN B 37 2.99 29.40 -3.53
CA ASN B 37 3.02 28.57 -2.33
C ASN B 37 1.61 28.37 -1.79
N TYR B 38 1.35 27.15 -1.32
CA TYR B 38 0.03 26.79 -0.80
C TYR B 38 0.15 26.24 0.62
N GLY B 39 1.17 26.72 1.35
CA GLY B 39 1.47 26.13 2.63
C GLY B 39 0.37 26.28 3.65
N THR B 40 -0.57 27.17 3.41
CA THR B 40 -1.67 27.40 4.33
C THR B 40 -2.97 26.75 3.88
N ALA B 41 -3.01 26.22 2.66
CA ALA B 41 -4.26 25.65 2.15
C ALA B 41 -4.73 24.51 3.03
N ASN B 42 -6.04 24.45 3.22
CA ASN B 42 -6.65 23.45 4.09
C ASN B 42 -6.95 22.12 3.39
N THR B 43 -6.62 22.00 2.11
CA THR B 43 -6.51 20.69 1.47
C THR B 43 -5.18 20.56 0.74
N LEU B 44 -4.77 19.31 0.48
CA LEU B 44 -3.62 19.00 -0.36
C LEU B 44 -4.16 18.45 -1.70
N VAL B 45 -3.96 19.21 -2.76
CA VAL B 45 -4.45 18.85 -4.09
C VAL B 45 -3.42 17.97 -4.80
N VAL B 46 -3.89 16.84 -5.35
CA VAL B 46 -3.03 15.92 -6.09
C VAL B 46 -3.68 15.61 -7.43
N LYS B 47 -2.91 15.79 -8.52
CA LYS B 47 -3.47 15.47 -9.84
C LYS B 47 -2.35 15.40 -10.87
N LYS B 48 -2.46 14.43 -11.78
CA LYS B 48 -1.60 14.34 -12.95
C LYS B 48 -2.37 14.77 -14.19
N ASP B 49 -1.75 15.60 -15.01
CA ASP B 49 -2.44 16.23 -16.14
C ASP B 49 -1.38 16.94 -16.97
N GLY B 50 -1.83 17.71 -17.97
CA GLY B 50 -0.91 18.45 -18.81
C GLY B 50 -0.17 19.55 -18.06
N ASP B 51 0.89 20.06 -18.69
CA ASP B 51 1.66 21.17 -18.15
C ASP B 51 0.75 22.31 -17.72
N GLY B 52 0.91 22.74 -16.46
CA GLY B 52 0.05 23.73 -15.87
C GLY B 52 -1.04 23.19 -14.98
N TYR B 53 -1.26 21.86 -14.99
CA TYR B 53 -2.39 21.28 -14.27
C TYR B 53 -1.97 20.13 -13.38
N ASN B 54 -0.68 19.87 -13.22
CA ASN B 54 -0.20 18.93 -12.23
C ASN B 54 -0.23 19.56 -10.85
N ARG B 55 -0.68 18.77 -9.87
CA ARG B 55 -0.57 19.11 -8.47
C ARG B 55 0.01 17.91 -7.73
N GLU B 56 0.93 18.18 -6.80
CA GLU B 56 1.61 17.16 -6.01
C GLU B 56 1.79 17.70 -4.59
N ALA B 57 1.83 16.79 -3.62
CA ALA B 57 1.83 17.18 -2.22
C ALA B 57 3.07 16.70 -1.49
N TYR B 58 3.51 17.51 -0.53
CA TYR B 58 4.64 17.21 0.33
C TYR B 58 4.19 17.32 1.78
N ILE B 59 4.62 16.35 2.59
CA ILE B 59 4.18 16.20 3.97
C ILE B 59 5.39 15.82 4.81
N LYS B 60 5.62 16.56 5.90
CA LYS B 60 6.75 16.29 6.79
C LYS B 60 6.25 15.84 8.15
N PHE B 61 6.91 14.83 8.72
CA PHE B 61 6.65 14.37 10.08
C PHE B 61 7.91 14.46 10.93
N ASP B 62 7.72 14.72 12.22
CA ASP B 62 8.81 14.63 13.19
C ASP B 62 8.91 13.18 13.67
N LEU B 63 10.11 12.60 13.55
CA LEU B 63 10.36 11.21 13.89
C LEU B 63 10.99 11.04 15.27
N GLN B 64 11.10 12.10 16.06
CA GLN B 64 11.81 11.97 17.32
C GLN B 64 10.86 11.49 18.41
N ASN B 65 11.45 10.97 19.48
CA ASN B 65 10.76 10.25 20.54
C ASN B 65 9.72 9.27 19.98
N ILE B 66 10.10 8.55 18.92
CA ILE B 66 9.42 7.32 18.53
C ILE B 66 10.30 6.17 18.96
N ASP B 67 9.78 5.36 19.88
CA ASP B 67 10.43 4.16 20.36
C ASP B 67 9.96 3.03 19.45
N ILE B 68 10.82 2.60 18.52
CA ILE B 68 10.40 1.65 17.50
C ILE B 68 10.27 0.24 18.08
N THR B 69 10.77 0.00 19.29
CA THR B 69 10.57 -1.27 19.97
C THR B 69 9.11 -1.50 20.34
N LYS B 70 8.31 -0.45 20.47
CA LYS B 70 6.89 -0.59 20.77
C LYS B 70 6.06 -1.01 19.56
N TYR B 71 6.55 -0.74 18.35
CA TYR B 71 5.71 -0.77 17.17
C TYR B 71 6.16 -1.85 16.20
N GLN B 72 5.21 -2.47 15.52
CA GLN B 72 5.54 -3.46 14.50
C GLN B 72 5.35 -2.96 13.08
N ASN B 73 4.41 -2.05 12.83
CA ASN B 73 4.19 -1.47 11.51
C ASN B 73 4.04 0.04 11.64
N ILE B 74 4.26 0.75 10.54
CA ILE B 74 4.02 2.18 10.48
C ILE B 74 3.33 2.49 9.15
N PHE B 75 2.30 3.34 9.21
CA PHE B 75 1.47 3.65 8.06
C PHE B 75 1.38 5.15 7.84
N LEU B 76 1.15 5.54 6.59
CA LEU B 76 0.67 6.88 6.30
C LEU B 76 -0.85 6.81 6.15
N ALA B 77 -1.55 7.59 6.96
CA ALA B 77 -3.00 7.77 6.85
C ALA B 77 -3.28 9.13 6.23
N LEU B 78 -4.10 9.14 5.18
CA LEU B 78 -4.56 10.34 4.52
C LEU B 78 -6.07 10.28 4.38
N TYR B 79 -6.71 11.45 4.43
CA TYR B 79 -8.17 11.57 4.43
C TYR B 79 -8.60 12.42 3.25
N VAL B 80 -9.53 11.90 2.45
CA VAL B 80 -9.95 12.53 1.21
C VAL B 80 -11.08 13.51 1.51
N ALA B 81 -10.85 14.79 1.20
CA ALA B 81 -11.85 15.84 1.34
C ALA B 81 -12.70 15.99 0.09
N ASN B 82 -12.13 15.68 -1.07
CA ASN B 82 -12.80 15.95 -2.33
C ASN B 82 -12.18 15.05 -3.38
N SER B 83 -13.01 14.52 -4.26
CA SER B 83 -12.53 13.67 -5.34
C SER B 83 -13.42 13.87 -6.56
N ASN B 84 -12.82 13.78 -7.74
CA ASN B 84 -13.59 13.89 -8.97
C ASN B 84 -14.14 12.53 -9.37
N THR B 85 -14.96 12.49 -10.43
CA THR B 85 -15.80 11.33 -10.67
C THR B 85 -15.03 10.13 -11.23
N SER B 86 -13.90 10.34 -11.88
CA SER B 86 -13.12 9.23 -12.42
C SER B 86 -11.86 8.95 -11.60
N ILE B 87 -11.84 9.31 -10.33
CA ILE B 87 -10.69 9.11 -9.46
C ILE B 87 -10.26 7.63 -9.46
N HIS B 88 -11.19 6.73 -9.84
CA HIS B 88 -10.85 5.32 -9.93
C HIS B 88 -9.86 5.00 -11.05
N ASP B 89 -9.70 5.91 -12.02
CA ASP B 89 -8.80 5.73 -13.15
C ASP B 89 -7.34 6.01 -12.82
N THR B 90 -7.00 6.28 -11.58
CA THR B 90 -5.61 6.53 -11.25
C THR B 90 -5.31 5.91 -9.89
N GLN B 91 -4.04 5.95 -9.52
CA GLN B 91 -3.55 5.49 -8.22
C GLN B 91 -2.68 6.59 -7.66
N TRP B 92 -2.37 6.52 -6.37
CA TRP B 92 -1.45 7.47 -5.76
C TRP B 92 -0.11 6.80 -5.50
N ASN B 93 0.95 7.53 -5.80
CA ASN B 93 2.31 7.13 -5.47
C ASN B 93 2.72 7.83 -4.18
N ILE B 94 3.29 7.06 -3.26
CA ILE B 94 3.79 7.61 -2.00
C ILE B 94 5.31 7.43 -2.04
N GLY B 95 6.03 8.55 -2.15
CA GLY B 95 7.45 8.53 -2.39
C GLY B 95 8.22 8.99 -1.17
N TYR B 96 9.46 8.50 -1.05
CA TYR B 96 10.35 8.91 0.01
C TYR B 96 11.19 10.07 -0.48
N VAL B 97 11.27 11.13 0.32
CA VAL B 97 12.01 12.35 -0.01
C VAL B 97 13.09 12.52 1.04
N ALA B 98 14.35 12.30 0.66
CA ALA B 98 15.43 12.39 1.63
C ALA B 98 15.65 13.81 2.12
N ASP B 99 15.34 14.81 1.30
CA ASP B 99 15.72 16.20 1.58
C ASP B 99 14.58 16.89 2.35
N ASN B 100 14.85 17.22 3.61
CA ASN B 100 13.85 17.78 4.51
C ASN B 100 14.03 19.29 4.73
N THR B 101 14.93 19.93 3.99
CA THR B 101 15.19 21.36 4.19
C THR B 101 14.09 22.25 3.64
N TRP B 102 13.16 21.71 2.85
CA TRP B 102 12.02 22.48 2.37
C TRP B 102 11.11 22.86 3.53
N SER B 103 10.23 23.84 3.27
CA SER B 103 9.36 24.42 4.29
C SER B 103 7.94 24.57 3.74
N GLU B 104 6.93 24.31 4.59
CA GLU B 104 5.54 24.50 4.18
C GLU B 104 5.29 25.92 3.69
N LYS B 105 5.95 26.90 4.29
CA LYS B 105 5.67 28.28 3.92
C LYS B 105 6.49 28.77 2.73
N SER B 106 7.45 27.99 2.23
CA SER B 106 8.23 28.46 1.09
C SER B 106 8.21 27.53 -0.12
N ILE B 107 7.65 26.32 0.00
CA ILE B 107 7.84 25.34 -1.07
C ILE B 107 6.96 25.73 -2.26
N THR B 108 7.56 25.67 -3.45
CA THR B 108 6.86 25.89 -4.70
C THR B 108 7.20 24.74 -5.62
N TRP B 109 6.48 24.64 -6.75
CA TRP B 109 6.83 23.67 -7.78
C TRP B 109 8.30 23.79 -8.15
N ASN B 110 8.77 25.02 -8.37
CA ASN B 110 10.12 25.25 -8.86
C ASN B 110 11.22 24.95 -7.85
N ASN B 111 10.94 24.92 -6.54
CA ASN B 111 11.95 24.58 -5.55
C ASN B 111 11.64 23.30 -4.78
N ARG B 112 10.73 22.46 -5.27
CA ARG B 112 10.32 21.30 -4.49
C ARG B 112 11.45 20.27 -4.40
N PRO B 113 11.54 19.54 -3.29
CA PRO B 113 12.61 18.55 -3.14
C PRO B 113 12.42 17.38 -4.10
N VAL B 114 13.51 16.67 -4.34
CA VAL B 114 13.53 15.58 -5.31
C VAL B 114 13.06 14.30 -4.63
N THR B 115 12.27 13.49 -5.34
CA THR B 115 11.77 12.25 -4.79
C THR B 115 12.81 11.15 -4.99
N THR B 116 13.25 10.56 -3.89
CA THR B 116 14.33 9.58 -3.95
C THR B 116 13.87 8.23 -4.52
N ASN B 117 12.67 7.77 -4.12
CA ASN B 117 12.12 6.50 -4.59
C ASN B 117 10.66 6.39 -4.13
N THR B 118 9.92 5.49 -4.77
CA THR B 118 8.51 5.27 -4.46
C THR B 118 8.40 4.17 -3.40
N ILE B 119 7.78 4.51 -2.27
CA ILE B 119 7.65 3.53 -1.20
C ILE B 119 6.46 2.61 -1.46
N ALA B 120 5.39 3.15 -2.06
CA ALA B 120 4.17 2.40 -2.25
C ALA B 120 3.35 3.03 -3.36
N THR B 121 2.49 2.20 -3.97
CA THR B 121 1.46 2.68 -4.88
C THR B 121 0.14 2.11 -4.41
N VAL B 122 -0.84 2.98 -4.23
CA VAL B 122 -2.11 2.60 -3.62
C VAL B 122 -3.24 3.04 -4.53
N SER B 123 -4.29 2.23 -4.58
CA SER B 123 -5.50 2.59 -5.31
C SER B 123 -6.18 3.78 -4.63
N THR B 124 -7.03 4.46 -5.37
CA THR B 124 -7.64 5.65 -4.83
C THR B 124 -8.89 5.31 -4.03
N VAL B 125 -9.31 6.27 -3.21
CA VAL B 125 -10.58 6.21 -2.47
C VAL B 125 -11.23 7.58 -2.50
N PRO B 126 -12.57 7.59 -2.50
CA PRO B 126 -13.28 8.85 -2.75
C PRO B 126 -13.44 9.71 -1.50
N ALA B 127 -13.94 10.92 -1.73
CA ALA B 127 -14.33 11.84 -0.66
C ALA B 127 -15.08 11.12 0.45
N GLY B 128 -14.71 11.42 1.69
CA GLY B 128 -15.32 10.80 2.85
C GLY B 128 -14.65 9.54 3.33
N SER B 129 -13.67 9.01 2.59
CA SER B 129 -12.88 7.86 2.97
C SER B 129 -11.43 8.26 3.20
N ASN B 130 -10.67 7.30 3.72
CA ASN B 130 -9.26 7.48 4.00
C ASN B 130 -8.48 6.30 3.44
N VAL B 131 -7.17 6.47 3.37
CA VAL B 131 -6.28 5.41 2.94
C VAL B 131 -5.23 5.20 4.03
N MET B 132 -4.88 3.95 4.29
CA MET B 132 -3.77 3.61 5.18
C MET B 132 -2.75 2.81 4.39
N VAL B 133 -1.56 3.37 4.24
CA VAL B 133 -0.52 2.81 3.39
C VAL B 133 0.60 2.29 4.27
N ASP B 134 1.01 1.04 4.04
CA ASP B 134 2.10 0.49 4.82
C ASP B 134 3.41 1.07 4.32
N ILE B 135 4.14 1.74 5.21
CA ILE B 135 5.46 2.28 4.88
C ILE B 135 6.46 1.92 5.98
N SER B 136 6.35 0.69 6.51
CA SER B 136 7.03 0.33 7.76
C SER B 136 8.53 0.42 7.61
N GLN B 137 9.09 -0.30 6.63
CA GLN B 137 10.54 -0.39 6.50
C GLN B 137 11.16 0.98 6.25
N ALA B 138 10.50 1.81 5.43
CA ALA B 138 11.04 3.14 5.15
C ALA B 138 11.21 3.95 6.44
N VAL B 139 10.21 3.95 7.32
CA VAL B 139 10.27 4.77 8.51
C VAL B 139 11.18 4.16 9.58
N PHE B 140 11.06 2.85 9.83
CA PHE B 140 12.02 2.18 10.71
C PHE B 140 13.48 2.50 10.34
N ASN B 141 13.81 2.47 9.05
CA ASN B 141 15.20 2.70 8.68
C ASN B 141 15.63 4.13 8.99
N GLU B 142 14.76 5.12 8.70
CA GLU B 142 15.07 6.49 9.07
C GLU B 142 15.28 6.64 10.57
N ILE B 143 14.44 5.97 11.36
CA ILE B 143 14.53 6.10 12.81
C ILE B 143 15.81 5.45 13.31
N LYS B 144 16.11 4.25 12.83
CA LYS B 144 17.39 3.63 13.17
C LYS B 144 18.57 4.50 12.72
N ASN B 145 18.42 5.22 11.63
CA ASN B 145 19.47 6.13 11.18
C ASN B 145 19.49 7.46 11.93
N ASN B 146 18.71 7.61 13.00
CA ASN B 146 18.68 8.84 13.82
C ASN B 146 18.19 10.05 13.03
N SER B 147 17.44 9.83 11.96
CA SER B 147 16.91 10.96 11.21
C SER B 147 15.81 11.63 12.01
N LYS B 148 15.82 12.97 12.00
CA LYS B 148 14.91 13.73 12.84
C LYS B 148 13.51 13.85 12.23
N THR B 149 13.42 13.94 10.91
CA THR B 149 12.17 14.19 10.23
C THR B 149 12.06 13.37 8.95
N LEU B 150 10.82 13.14 8.53
CA LEU B 150 10.48 12.37 7.35
C LEU B 150 9.63 13.23 6.44
N THR B 151 9.92 13.19 5.14
CA THR B 151 9.10 13.83 4.11
C THR B 151 8.60 12.77 3.15
N LEU B 152 7.30 12.80 2.88
CA LEU B 152 6.70 11.97 1.85
C LEU B 152 6.12 12.84 0.74
N HIS B 153 6.14 12.32 -0.48
CA HIS B 153 5.63 12.99 -1.67
C HIS B 153 4.43 12.21 -2.19
N ILE B 154 3.30 12.88 -2.33
CA ILE B 154 2.09 12.28 -2.87
C ILE B 154 1.88 12.79 -4.29
N SER B 155 1.74 11.88 -5.25
CA SER B 155 1.51 12.21 -6.65
C SER B 155 0.56 11.19 -7.24
N SER B 156 -0.02 11.56 -8.37
CA SER B 156 -0.97 10.73 -9.10
C SER B 156 -0.31 10.13 -10.34
N THR B 157 -0.64 8.86 -10.63
CA THR B 157 0.07 8.12 -11.67
C THR B 157 -0.46 8.39 -13.07
N THR B 158 -1.72 8.80 -13.21
CA THR B 158 -2.39 8.75 -14.51
C THR B 158 -3.31 9.94 -14.63
N ARG B 159 -3.12 10.74 -15.68
CA ARG B 159 -4.20 11.60 -16.14
C ARG B 159 -5.30 10.70 -16.68
N GLY B 160 -6.52 10.88 -16.22
CA GLY B 160 -7.57 9.97 -16.62
C GLY B 160 -7.79 9.98 -18.12
N ALA B 161 -8.60 9.01 -18.57
CA ALA B 161 -9.08 9.08 -19.95
C ALA B 161 -9.92 10.33 -20.18
N ASP B 162 -10.60 10.81 -19.14
CA ASP B 162 -11.37 12.04 -19.20
C ASP B 162 -10.78 13.17 -18.38
N GLY B 163 -9.64 12.93 -17.70
CA GLY B 163 -9.01 13.93 -16.85
C GLY B 163 -9.71 14.24 -15.55
N LYS B 164 -10.72 13.47 -15.15
CA LYS B 164 -11.42 13.72 -13.88
C LYS B 164 -10.76 12.93 -12.74
N THR B 165 -9.46 13.16 -12.57
CA THR B 165 -8.67 12.32 -11.66
C THR B 165 -8.08 13.13 -10.51
N ASP B 166 -8.65 14.28 -10.19
CA ASP B 166 -8.14 15.08 -9.09
C ASP B 166 -8.80 14.66 -7.78
N ALA B 167 -8.06 14.84 -6.69
CA ALA B 167 -8.53 14.58 -5.34
C ALA B 167 -7.77 15.49 -4.39
N GLN B 168 -8.38 15.79 -3.26
CA GLN B 168 -7.76 16.65 -2.26
C GLN B 168 -7.86 15.96 -0.91
N PHE B 169 -6.74 15.92 -0.20
CA PHE B 169 -6.71 15.39 1.15
C PHE B 169 -6.77 16.54 2.16
N TYR B 170 -7.36 16.25 3.31
CA TYR B 170 -7.34 17.24 4.39
C TYR B 170 -5.90 17.55 4.75
N SER B 171 -5.60 18.83 4.89
CA SER B 171 -4.29 19.23 5.37
C SER B 171 -4.35 19.42 6.89
N LYS B 172 -3.20 19.74 7.49
CA LYS B 172 -3.18 20.00 8.92
C LYS B 172 -3.86 21.32 9.28
N GLU B 173 -4.08 22.19 8.31
CA GLU B 173 -4.89 23.39 8.51
C GLU B 173 -6.39 23.14 8.35
N GLY B 174 -6.80 21.91 8.01
CA GLY B 174 -8.21 21.56 8.02
C GLY B 174 -8.79 21.65 9.42
N SER B 175 -10.12 21.75 9.48
CA SER B 175 -10.76 22.05 10.76
C SER B 175 -10.81 20.85 11.70
N ASP B 176 -10.77 19.62 11.16
CA ASP B 176 -10.75 18.40 11.97
C ASP B 176 -9.31 17.90 12.07
N PRO B 177 -8.66 18.04 13.23
CA PRO B 177 -7.26 17.58 13.32
C PRO B 177 -7.12 16.07 13.23
N LEU B 178 -8.22 15.34 13.45
CA LEU B 178 -8.21 13.89 13.31
C LEU B 178 -8.16 13.44 11.86
N LYS B 179 -8.43 14.33 10.90
CA LYS B 179 -8.33 14.03 9.47
C LYS B 179 -7.04 14.51 8.83
N ALA B 180 -6.12 15.08 9.61
CA ALA B 180 -4.90 15.63 9.04
C ALA B 180 -3.97 14.49 8.62
N PRO B 181 -2.99 14.77 7.77
CA PRO B 181 -2.02 13.73 7.45
C PRO B 181 -1.29 13.27 8.71
N GLN B 182 -1.11 11.96 8.82
CA GLN B 182 -0.56 11.41 10.06
C GLN B 182 0.09 10.07 9.81
N LEU B 183 1.18 9.82 10.53
CA LEU B 183 1.70 8.47 10.62
C LEU B 183 0.97 7.70 11.70
N MET B 184 0.58 6.48 11.39
CA MET B 184 -0.11 5.63 12.34
C MET B 184 0.90 4.57 12.76
N LEU B 185 1.35 4.65 14.00
CA LEU B 185 2.32 3.71 14.52
C LEU B 185 1.55 2.57 15.19
N GLN B 186 1.70 1.36 14.65
CA GLN B 186 0.89 0.21 15.08
C GLN B 186 1.62 -0.55 16.18
N GLU B 187 1.06 -0.53 17.40
CA GLU B 187 1.72 -1.21 18.53
C GLU B 187 1.77 -2.72 18.32
N LYS B 188 2.87 -3.33 18.73
CA LYS B 188 3.01 -4.79 18.74
C LYS B 188 1.84 -5.42 19.49
#